data_8FTJ
#
_entry.id   8FTJ
#
_cell.length_a   83.662
_cell.length_b   83.662
_cell.length_c   130.442
_cell.angle_alpha   90.000
_cell.angle_beta   90.000
_cell.angle_gamma   90.000
#
_symmetry.space_group_name_H-M   'P 41 2 2'
#
loop_
_entity.id
_entity.type
_entity.pdbx_description
1 polymer 'Endonuclease 8-like 1'
2 polymer "DNA (5'-D(*CP*GP*TP*CP*CP*AP*UDV*GP*TP*CP*TP*AP*CP)-3')"
3 polymer "DNA (5'-D(*TP*AP*GP*AP*CP*AP*TP*GP*GP*AP*CP*GP*G)-3')"
4 non-polymer 1,2-ETHANEDIOL
5 non-polymer 'SULFATE ION'
6 water water
#
loop_
_entity_poly.entity_id
_entity_poly.type
_entity_poly.pdbx_seq_one_letter_code
_entity_poly.pdbx_strand_id
1 'polypeptide(L)'
;GEGPELHLASQFVNEACRALVFGGCVEKSSVSRNPEVPFESSAYRISASARGKELRLILSPLPGAQPQQEPLALVFRFGM
SGSFQLVPREELPRHAHLRFYTAPPGPRLALCFVDIRRFGRWDLGGKWQPGRGPCVLQEYQQFRENVLRNLADKAFDRPI
CEALLDQRFFNGIGNYLRAEILYRLKIPPFEKARSVLEALQQHRPSPELTLSQKIRTKLQNPDLLELCHSVPKEVVQLGG
KGYGSESGEEDFAAFRAWLRCYGMPGMSSLQDRHGRTIWFQGDPGPLAPLEHHHHHH
;
A
2 'polydeoxyribonucleotide' (DC)(DG)(DT)(DC)(DC)(DA)(YB9)(DG)(DT)(DC)(DT)(DA)(DC) D
3 'polydeoxyribonucleotide' (DT)(DA)(DG)(DA)(DC)(DA)(DT)(DG)(DG)(DA)(DC)(DG)(DG) F
#
loop_
_chem_comp.id
_chem_comp.type
_chem_comp.name
_chem_comp.formula
DA DNA linking 2'-DEOXYADENOSINE-5'-MONOPHOSPHATE 'C10 H14 N5 O6 P'
DC DNA linking 2'-DEOXYCYTIDINE-5'-MONOPHOSPHATE 'C9 H14 N3 O7 P'
DG DNA linking 2'-DEOXYGUANOSINE-5'-MONOPHOSPHATE 'C10 H14 N5 O7 P'
DT DNA linking THYMIDINE-5'-MONOPHOSPHATE 'C10 H15 N2 O8 P'
EDO non-polymer 1,2-ETHANEDIOL 'C2 H6 O2'
SO4 non-polymer 'SULFATE ION' 'O4 S -2'
YB9 non-polymer 1-carbamamido-1,2-dideoxy-5-O-phosphono-L-threo-pentitol 'C6 H15 N2 O7 P'
#
# COMPACT_ATOMS: atom_id res chain seq x y z
N GLY A 1 1.27 6.01 1.11
CA GLY A 1 1.46 4.65 1.57
C GLY A 1 0.16 3.90 1.72
N GLU A 2 -0.83 4.20 0.90
CA GLU A 2 -2.14 3.57 1.03
C GLU A 2 -2.34 2.56 -0.09
N GLY A 3 -3.52 1.94 -0.11
CA GLY A 3 -3.85 0.91 -1.07
C GLY A 3 -3.55 1.23 -2.52
N PRO A 4 -4.05 2.36 -3.02
CA PRO A 4 -3.80 2.67 -4.44
C PRO A 4 -2.33 2.77 -4.78
N GLU A 5 -1.51 3.28 -3.87
CA GLU A 5 -0.08 3.41 -4.14
C GLU A 5 0.62 2.06 -4.14
N LEU A 6 0.26 1.18 -3.22
CA LEU A 6 0.81 -0.17 -3.27
C LEU A 6 0.42 -0.84 -4.58
N HIS A 7 -0.82 -0.60 -5.04
CA HIS A 7 -1.31 -1.27 -6.23
C HIS A 7 -0.65 -0.71 -7.49
N LEU A 8 -0.47 0.61 -7.54
CA LEU A 8 0.26 1.17 -8.68
C LEU A 8 1.73 0.79 -8.63
N ALA A 9 2.31 0.59 -7.46
CA ALA A 9 3.72 0.18 -7.44
C ALA A 9 3.87 -1.22 -7.99
N SER A 10 2.92 -2.10 -7.67
CA SER A 10 2.91 -3.43 -8.28
C SER A 10 2.74 -3.35 -9.80
N GLN A 11 1.85 -2.47 -10.28
CA GLN A 11 1.70 -2.31 -11.72
C GLN A 11 3.00 -1.85 -12.34
N PHE A 12 3.63 -0.85 -11.73
CA PHE A 12 4.87 -0.32 -12.26
C PHE A 12 5.96 -1.39 -12.34
N VAL A 13 6.12 -2.18 -11.27
CA VAL A 13 7.16 -3.20 -11.27
C VAL A 13 6.92 -4.18 -12.42
N ASN A 14 5.67 -4.61 -12.60
CA ASN A 14 5.36 -5.57 -13.65
C ASN A 14 5.59 -4.98 -15.03
N GLU A 15 5.29 -3.70 -15.22
CA GLU A 15 5.48 -3.12 -16.54
C GLU A 15 6.95 -2.83 -16.82
N ALA A 16 7.66 -2.28 -15.84
CA ALA A 16 9.07 -1.98 -16.05
C ALA A 16 9.92 -3.23 -16.23
N CYS A 17 9.57 -4.33 -15.56
CA CYS A 17 10.43 -5.51 -15.56
C CYS A 17 9.99 -6.53 -16.59
N ARG A 18 9.02 -6.19 -17.44
CA ARG A 18 8.41 -7.17 -18.32
C ARG A 18 9.44 -7.80 -19.26
N ALA A 19 10.38 -7.01 -19.77
CA ALA A 19 11.40 -7.57 -20.63
C ALA A 19 12.72 -7.85 -19.91
N LEU A 20 12.92 -7.27 -18.74
CA LEU A 20 14.25 -7.21 -18.13
C LEU A 20 14.68 -8.56 -17.60
N VAL A 21 16.00 -8.81 -17.67
CA VAL A 21 16.64 -9.92 -16.98
C VAL A 21 17.54 -9.33 -15.91
N PHE A 22 17.40 -9.83 -14.68
CA PHE A 22 18.26 -9.40 -13.59
C PHE A 22 19.31 -10.47 -13.29
N GLY A 23 20.40 -10.05 -12.65
CA GLY A 23 21.45 -10.98 -12.25
C GLY A 23 22.19 -10.50 -11.02
N GLY A 24 22.96 -11.41 -10.44
CA GLY A 24 23.76 -11.07 -9.29
C GLY A 24 22.97 -11.13 -7.98
N CYS A 25 23.50 -10.44 -6.98
CA CYS A 25 22.92 -10.43 -5.65
CA CYS A 25 22.91 -10.43 -5.65
C CYS A 25 21.86 -9.33 -5.53
N VAL A 26 21.10 -9.40 -4.45
CA VAL A 26 20.16 -8.35 -4.09
C VAL A 26 20.87 -7.49 -3.06
N GLU A 27 21.04 -6.20 -3.36
CA GLU A 27 21.92 -5.33 -2.58
C GLU A 27 21.11 -4.46 -1.62
N LYS A 28 21.34 -4.64 -0.31
CA LYS A 28 20.74 -3.77 0.69
C LYS A 28 21.70 -2.66 1.08
N SER A 29 21.17 -1.45 1.23
CA SER A 29 21.99 -0.36 1.70
C SER A 29 22.45 -0.63 3.12
N SER A 30 23.60 -0.07 3.47
CA SER A 30 24.22 -0.38 4.74
C SER A 30 23.41 0.16 5.91
N VAL A 31 22.74 1.29 5.73
CA VAL A 31 21.98 1.92 6.81
C VAL A 31 20.71 1.15 7.13
N SER A 32 20.10 0.49 6.13
CA SER A 32 18.82 -0.18 6.34
C SER A 32 18.90 -1.25 7.42
N ARG A 33 17.94 -1.23 8.34
CA ARG A 33 17.82 -2.25 9.39
C ARG A 33 16.94 -3.41 8.97
N ASN A 34 16.54 -3.48 7.71
CA ASN A 34 15.74 -4.61 7.25
C ASN A 34 16.66 -5.79 6.89
N PRO A 35 16.12 -7.01 6.79
CA PRO A 35 17.00 -8.16 6.55
C PRO A 35 17.69 -8.12 5.19
N GLU A 36 18.94 -8.57 5.18
CA GLU A 36 19.57 -8.96 3.92
C GLU A 36 18.69 -9.97 3.20
N VAL A 37 18.64 -9.86 1.88
CA VAL A 37 17.91 -10.79 1.03
C VAL A 37 18.91 -11.83 0.52
N PRO A 38 18.81 -13.09 0.92
CA PRO A 38 19.80 -14.11 0.54
C PRO A 38 19.49 -14.77 -0.81
N PHE A 39 19.27 -13.94 -1.84
CA PHE A 39 18.98 -14.42 -3.18
C PHE A 39 20.03 -13.89 -4.13
N GLU A 40 20.48 -14.75 -5.01
CA GLU A 40 21.52 -14.43 -5.98
C GLU A 40 21.31 -15.36 -7.17
N SER A 41 21.20 -14.81 -8.37
CA SER A 41 20.93 -15.65 -9.53
C SER A 41 21.54 -15.01 -10.75
N SER A 42 22.02 -15.85 -11.66
CA SER A 42 22.68 -15.34 -12.87
C SER A 42 21.69 -14.73 -13.86
N ALA A 43 20.44 -15.20 -13.85
CA ALA A 43 19.43 -14.67 -14.76
C ALA A 43 18.08 -14.89 -14.11
N TYR A 44 17.41 -13.82 -13.71
CA TYR A 44 16.14 -13.96 -13.04
C TYR A 44 15.22 -12.80 -13.40
N ARG A 45 13.92 -13.04 -13.28
CA ARG A 45 12.92 -12.01 -13.56
C ARG A 45 12.22 -11.64 -12.26
N ILE A 46 11.60 -10.47 -12.27
CA ILE A 46 10.95 -9.91 -11.10
C ILE A 46 9.52 -9.59 -11.47
N SER A 47 8.58 -10.04 -10.63
CA SER A 47 7.16 -9.74 -10.79
C SER A 47 6.58 -9.41 -9.43
N ALA A 48 5.36 -8.85 -9.42
CA ALA A 48 4.83 -8.28 -8.19
C ALA A 48 3.30 -8.45 -8.13
N SER A 49 2.77 -8.42 -6.90
CA SER A 49 1.34 -8.24 -6.72
C SER A 49 1.09 -7.56 -5.38
N ALA A 50 -0.06 -6.89 -5.28
CA ALA A 50 -0.36 -6.08 -4.12
C ALA A 50 -1.60 -6.64 -3.43
N ARG A 51 -1.67 -6.49 -2.11
CA ARG A 51 -2.88 -6.87 -1.36
C ARG A 51 -3.06 -5.90 -0.20
N GLY A 52 -4.05 -5.01 -0.32
CA GLY A 52 -4.18 -4.01 0.74
C GLY A 52 -2.92 -3.16 0.78
N LYS A 53 -2.33 -3.03 1.96
CA LYS A 53 -1.14 -2.21 2.09
C LYS A 53 0.15 -3.01 2.07
N GLU A 54 0.13 -4.17 1.39
CA GLU A 54 1.32 -4.99 1.25
C GLU A 54 1.59 -5.28 -0.23
N LEU A 55 2.86 -5.45 -0.57
CA LEU A 55 3.26 -5.76 -1.93
C LEU A 55 4.14 -7.01 -1.89
N ARG A 56 3.76 -8.04 -2.65
CA ARG A 56 4.58 -9.25 -2.77
C ARG A 56 5.43 -9.19 -4.02
N LEU A 57 6.73 -9.35 -3.85
CA LEU A 57 7.70 -9.32 -4.93
C LEU A 57 8.31 -10.72 -5.06
N ILE A 58 8.37 -11.24 -6.29
CA ILE A 58 8.85 -12.59 -6.54
C ILE A 58 10.05 -12.53 -7.48
N LEU A 59 11.12 -13.20 -7.08
CA LEU A 59 12.37 -13.25 -7.83
C LEU A 59 12.46 -14.64 -8.43
N SER A 60 12.26 -14.76 -9.74
CA SER A 60 12.09 -16.06 -10.38
C SER A 60 13.27 -16.36 -11.30
N PRO A 61 14.15 -17.30 -10.94
CA PRO A 61 15.23 -17.68 -11.87
C PRO A 61 14.68 -18.13 -13.22
N LEU A 62 15.34 -17.68 -14.27
CA LEU A 62 15.00 -18.10 -15.63
C LEU A 62 15.55 -19.50 -15.86
N PRO A 63 15.13 -20.18 -16.94
CA PRO A 63 15.55 -21.57 -17.13
C PRO A 63 17.06 -21.70 -17.24
N GLY A 64 17.62 -22.67 -16.52
CA GLY A 64 19.05 -22.84 -16.51
C GLY A 64 19.83 -21.83 -15.70
N ALA A 65 19.16 -20.95 -14.96
CA ALA A 65 19.88 -19.99 -14.13
C ALA A 65 20.65 -20.71 -13.04
N GLN A 66 21.76 -20.13 -12.62
CA GLN A 66 22.60 -20.70 -11.61
C GLN A 66 22.65 -19.79 -10.38
N PRO A 67 22.67 -20.35 -9.16
CA PRO A 67 22.50 -21.76 -8.79
C PRO A 67 21.06 -22.21 -8.98
N GLN A 68 20.81 -23.51 -9.17
CA GLN A 68 19.45 -24.04 -9.30
C GLN A 68 18.68 -23.84 -8.00
N GLN A 69 17.57 -23.14 -8.08
CA GLN A 69 16.82 -22.80 -6.88
C GLN A 69 15.40 -22.45 -7.27
N GLU A 70 14.52 -22.55 -6.30
CA GLU A 70 13.13 -22.16 -6.47
C GLU A 70 13.04 -20.65 -6.41
N PRO A 71 11.95 -20.07 -6.90
CA PRO A 71 11.74 -18.62 -6.72
C PRO A 71 11.74 -18.24 -5.23
N LEU A 72 12.10 -17.00 -4.96
CA LEU A 72 12.01 -16.43 -3.63
C LEU A 72 11.04 -15.26 -3.64
N ALA A 73 10.15 -15.22 -2.64
CA ALA A 73 9.16 -14.17 -2.50
C ALA A 73 9.47 -13.32 -1.27
N LEU A 74 9.25 -12.01 -1.40
CA LEU A 74 9.37 -11.04 -0.32
C LEU A 74 8.10 -10.21 -0.27
N VAL A 75 7.77 -9.69 0.91
CA VAL A 75 6.62 -8.82 1.08
C VAL A 75 7.12 -7.50 1.64
N PHE A 76 6.72 -6.41 1.01
CA PHE A 76 7.10 -5.06 1.39
C PHE A 76 5.92 -4.35 2.03
N ARG A 77 6.24 -3.49 3.00
CA ARG A 77 5.31 -2.48 3.53
C ARG A 77 5.94 -1.11 3.34
N PHE A 78 5.19 -0.17 2.78
CA PHE A 78 5.77 1.09 2.33
C PHE A 78 5.96 2.11 3.44
N GLY A 79 5.39 1.90 4.63
CA GLY A 79 5.41 2.97 5.61
C GLY A 79 4.90 4.27 5.01
N MET A 80 5.58 5.37 5.32
CA MET A 80 5.10 6.67 4.89
C MET A 80 5.64 7.11 3.53
N SER A 81 6.81 6.62 3.12
CA SER A 81 7.45 7.14 1.91
C SER A 81 8.00 6.08 0.96
N GLY A 82 7.71 4.80 1.19
CA GLY A 82 8.25 3.76 0.33
C GLY A 82 7.82 3.90 -1.12
N SER A 83 8.67 3.39 -2.02
CA SER A 83 8.40 3.45 -3.45
C SER A 83 9.37 2.55 -4.20
N PHE A 84 9.03 2.28 -5.46
CA PHE A 84 9.91 1.61 -6.40
C PHE A 84 10.28 2.55 -7.54
N GLN A 85 11.54 2.49 -7.97
CA GLN A 85 12.04 3.24 -9.12
C GLN A 85 12.97 2.36 -9.94
N LEU A 86 12.98 2.60 -11.25
CA LEU A 86 13.90 1.94 -12.18
C LEU A 86 14.78 3.04 -12.74
N VAL A 87 16.09 2.93 -12.51
CA VAL A 87 17.02 4.01 -12.84
C VAL A 87 18.21 3.39 -13.54
N PRO A 88 19.02 4.21 -14.22
CA PRO A 88 20.34 3.74 -14.65
C PRO A 88 21.14 3.32 -13.44
N ARG A 89 21.92 2.26 -13.60
CA ARG A 89 22.66 1.70 -12.47
CA ARG A 89 22.68 1.70 -12.49
C ARG A 89 23.57 2.73 -11.82
N GLU A 90 24.11 3.67 -12.60
CA GLU A 90 25.02 4.65 -12.03
C GLU A 90 24.31 5.93 -11.59
N GLU A 91 22.97 5.98 -11.68
CA GLU A 91 22.23 7.11 -11.16
C GLU A 91 21.27 6.68 -10.07
N LEU A 92 21.78 5.95 -9.08
CA LEU A 92 20.94 5.47 -7.98
C LEU A 92 20.30 6.65 -7.26
N PRO A 93 19.02 6.57 -6.94
CA PRO A 93 18.40 7.63 -6.14
C PRO A 93 18.91 7.58 -4.70
N ARG A 94 18.82 8.72 -4.05
CA ARG A 94 19.11 8.75 -2.62
C ARG A 94 18.03 7.98 -1.88
N HIS A 95 18.44 7.27 -0.83
CA HIS A 95 17.58 6.42 -0.01
C HIS A 95 17.06 5.19 -0.76
N ALA A 96 17.79 4.76 -1.80
CA ALA A 96 17.55 3.46 -2.43
C ALA A 96 18.10 2.39 -1.49
N HIS A 97 17.22 1.76 -0.72
CA HIS A 97 17.65 0.87 0.35
C HIS A 97 17.72 -0.60 -0.05
N LEU A 98 17.15 -0.98 -1.19
CA LEU A 98 17.20 -2.35 -1.69
C LEU A 98 17.24 -2.29 -3.21
N ARG A 99 18.17 -3.03 -3.81
CA ARG A 99 18.44 -2.84 -5.23
C ARG A 99 18.58 -4.18 -5.95
N PHE A 100 17.96 -4.26 -7.12
CA PHE A 100 18.07 -5.39 -8.03
C PHE A 100 18.71 -4.87 -9.31
N TYR A 101 19.74 -5.55 -9.79
CA TYR A 101 20.51 -5.08 -10.94
C TYR A 101 20.26 -5.94 -12.17
N THR A 102 19.88 -5.31 -13.28
CA THR A 102 19.79 -6.03 -14.54
C THR A 102 21.13 -6.66 -14.91
N ALA A 103 21.06 -7.79 -15.55
CA ALA A 103 22.26 -8.48 -16.02
C ALA A 103 22.65 -7.96 -17.39
N PRO A 104 23.89 -8.18 -17.81
CA PRO A 104 24.27 -7.90 -19.20
C PRO A 104 23.56 -8.86 -20.14
N PRO A 105 23.39 -8.50 -21.41
CA PRO A 105 23.98 -7.39 -22.16
C PRO A 105 23.13 -6.12 -22.30
N GLY A 106 21.94 -6.05 -21.73
CA GLY A 106 21.14 -4.86 -21.82
C GLY A 106 21.82 -3.65 -21.22
N PRO A 107 21.24 -2.47 -21.44
CA PRO A 107 21.61 -1.31 -20.62
C PRO A 107 21.43 -1.63 -19.14
N ARG A 108 22.42 -1.27 -18.33
CA ARG A 108 22.48 -1.71 -16.94
C ARG A 108 21.61 -0.80 -16.07
N LEU A 109 20.46 -1.31 -15.64
CA LEU A 109 19.52 -0.56 -14.82
C LEU A 109 19.48 -1.11 -13.39
N ALA A 110 18.77 -0.38 -12.53
CA ALA A 110 18.55 -0.85 -11.17
C ALA A 110 17.10 -0.60 -10.78
N LEU A 111 16.46 -1.63 -10.23
CA LEU A 111 15.15 -1.51 -9.61
C LEU A 111 15.34 -1.31 -8.12
N CYS A 112 14.86 -0.19 -7.59
CA CYS A 112 15.14 0.21 -6.23
C CYS A 112 13.86 0.32 -5.43
N PHE A 113 13.90 -0.22 -4.21
CA PHE A 113 12.96 0.20 -3.19
C PHE A 113 13.53 1.45 -2.55
N VAL A 114 12.89 2.61 -2.80
CA VAL A 114 13.33 3.91 -2.29
C VAL A 114 12.45 4.30 -1.11
N ASP A 115 13.07 4.66 0.02
CA ASP A 115 12.29 4.92 1.24
C ASP A 115 12.98 6.04 2.04
N ILE A 116 12.56 7.28 1.78
CA ILE A 116 13.18 8.44 2.41
C ILE A 116 13.15 8.33 3.93
N ARG A 117 11.95 8.17 4.50
CA ARG A 117 11.84 8.23 5.96
C ARG A 117 12.20 6.92 6.65
N ARG A 118 12.32 5.83 5.90
CA ARG A 118 12.78 4.53 6.42
C ARG A 118 11.80 3.90 7.39
N PHE A 119 10.50 4.15 7.20
CA PHE A 119 9.47 3.47 8.00
C PHE A 119 9.07 2.13 7.40
N GLY A 120 9.35 1.90 6.11
CA GLY A 120 8.95 0.67 5.47
C GLY A 120 9.77 -0.52 5.92
N ARG A 121 9.19 -1.69 5.70
CA ARG A 121 9.81 -2.95 6.05
CA ARG A 121 9.83 -2.95 6.05
C ARG A 121 9.61 -3.94 4.91
N TRP A 122 10.47 -4.96 4.88
CA TRP A 122 10.27 -6.10 4.00
C TRP A 122 10.59 -7.37 4.77
N ASP A 123 9.90 -8.43 4.40
CA ASP A 123 10.07 -9.73 5.03
C ASP A 123 10.48 -10.75 3.96
N LEU A 124 11.20 -11.78 4.37
CA LEU A 124 11.45 -12.91 3.49
C LEU A 124 10.27 -13.86 3.57
N GLY A 125 9.89 -14.42 2.43
CA GLY A 125 8.69 -15.24 2.36
C GLY A 125 7.51 -14.45 1.82
N GLY A 126 6.57 -15.16 1.22
CA GLY A 126 5.47 -14.51 0.53
C GLY A 126 4.19 -14.31 1.30
N LYS A 127 4.12 -14.79 2.56
CA LYS A 127 2.89 -14.74 3.33
C LYS A 127 2.45 -13.30 3.55
N TRP A 128 1.16 -13.05 3.33
CA TRP A 128 0.61 -11.79 3.80
C TRP A 128 0.66 -11.76 5.32
N GLN A 129 0.59 -10.58 5.89
CA GLN A 129 0.50 -10.47 7.35
C GLN A 129 -0.77 -11.14 7.84
N PRO A 130 -0.67 -12.07 8.79
CA PRO A 130 -1.81 -12.96 9.08
C PRO A 130 -3.05 -12.27 9.62
N GLY A 131 -2.91 -11.15 10.35
CA GLY A 131 -4.12 -10.53 10.87
C GLY A 131 -4.87 -9.63 9.92
N ARG A 132 -4.26 -9.29 8.78
CA ARG A 132 -4.84 -8.32 7.87
C ARG A 132 -6.11 -8.84 7.21
N GLY A 133 -7.11 -7.95 7.07
CA GLY A 133 -8.29 -8.28 6.33
C GLY A 133 -8.04 -8.37 4.82
N PRO A 134 -9.08 -8.72 4.08
CA PRO A 134 -8.94 -8.83 2.62
C PRO A 134 -8.80 -7.47 1.95
N CYS A 135 -8.15 -7.46 0.78
CA CYS A 135 -7.88 -6.22 0.07
C CYS A 135 -9.18 -5.53 -0.38
N VAL A 136 -9.35 -4.25 0.01
CA VAL A 136 -10.52 -3.50 -0.44
C VAL A 136 -10.51 -3.28 -1.94
N LEU A 137 -9.35 -3.33 -2.59
CA LEU A 137 -9.33 -3.14 -4.03
C LEU A 137 -9.64 -4.43 -4.77
N GLN A 138 -9.02 -5.54 -4.36
CA GLN A 138 -9.00 -6.75 -5.17
C GLN A 138 -9.78 -7.93 -4.58
N GLU A 139 -10.22 -7.82 -3.33
CA GLU A 139 -10.97 -8.85 -2.62
C GLU A 139 -12.22 -8.23 -2.02
N TYR A 140 -12.95 -7.47 -2.84
CA TYR A 140 -14.02 -6.64 -2.32
C TYR A 140 -15.04 -7.47 -1.59
N GLN A 141 -15.49 -8.58 -2.20
CA GLN A 141 -16.56 -9.35 -1.59
C GLN A 141 -16.09 -9.99 -0.29
N GLN A 142 -14.92 -10.61 -0.29
CA GLN A 142 -14.42 -11.16 0.96
C GLN A 142 -14.26 -10.07 2.00
N PHE A 143 -13.82 -8.88 1.58
CA PHE A 143 -13.59 -7.80 2.52
C PHE A 143 -14.90 -7.31 3.12
N ARG A 144 -15.94 -7.22 2.29
CA ARG A 144 -17.23 -6.76 2.78
C ARG A 144 -17.79 -7.73 3.80
N GLU A 145 -17.71 -9.04 3.51
CA GLU A 145 -18.22 -10.05 4.44
C GLU A 145 -17.41 -10.07 5.73
N ASN A 146 -16.09 -9.86 5.63
CA ASN A 146 -15.28 -9.88 6.84
C ASN A 146 -15.63 -8.73 7.77
N VAL A 147 -16.11 -7.61 7.24
CA VAL A 147 -16.58 -6.54 8.11
C VAL A 147 -17.92 -6.92 8.71
N LEU A 148 -18.90 -7.23 7.86
CA LEU A 148 -20.29 -7.35 8.29
C LEU A 148 -20.50 -8.55 9.21
N ARG A 149 -19.87 -9.68 8.92
CA ARG A 149 -20.08 -10.82 9.80
C ARG A 149 -19.37 -10.66 11.15
N ASN A 150 -18.57 -9.60 11.33
CA ASN A 150 -17.76 -9.45 12.53
C ASN A 150 -18.10 -8.18 13.30
N LEU A 151 -19.29 -7.61 13.11
CA LEU A 151 -19.56 -6.31 13.70
C LEU A 151 -19.56 -6.33 15.22
N ALA A 152 -19.71 -7.49 15.86
CA ALA A 152 -19.69 -7.54 17.32
C ALA A 152 -18.28 -7.49 17.91
N ASP A 153 -17.24 -7.52 17.09
CA ASP A 153 -15.86 -7.42 17.57
C ASP A 153 -15.62 -6.05 18.18
N LYS A 154 -14.77 -6.01 19.21
CA LYS A 154 -14.47 -4.78 19.94
C LYS A 154 -13.96 -3.68 19.01
N ALA A 155 -13.34 -4.06 17.90
CA ALA A 155 -12.79 -3.09 16.97
C ALA A 155 -13.84 -2.06 16.55
N PHE A 156 -15.10 -2.47 16.43
CA PHE A 156 -16.14 -1.56 15.95
C PHE A 156 -16.77 -0.75 17.07
N ASP A 157 -16.27 -0.85 18.30
CA ASP A 157 -16.64 0.10 19.34
C ASP A 157 -16.08 1.48 19.06
N ARG A 158 -14.98 1.54 18.33
CA ARG A 158 -14.25 2.77 18.15
CA ARG A 158 -14.23 2.76 18.12
C ARG A 158 -14.99 3.68 17.16
N PRO A 159 -14.64 4.98 17.14
CA PRO A 159 -15.22 5.87 16.13
C PRO A 159 -14.94 5.34 14.72
N ILE A 160 -15.84 5.66 13.79
CA ILE A 160 -15.72 5.11 12.45
C ILE A 160 -14.44 5.59 11.78
N CYS A 161 -13.97 6.81 12.10
CA CYS A 161 -12.73 7.26 11.45
C CYS A 161 -11.52 6.48 11.95
N GLU A 162 -11.56 5.97 13.18
CA GLU A 162 -10.47 5.12 13.64
C GLU A 162 -10.60 3.68 13.15
N ALA A 163 -11.82 3.17 13.05
CA ALA A 163 -12.02 1.81 12.55
C ALA A 163 -11.53 1.67 11.11
N LEU A 164 -11.68 2.73 10.30
CA LEU A 164 -11.25 2.67 8.91
C LEU A 164 -9.74 2.48 8.76
N LEU A 165 -8.95 2.79 9.81
CA LEU A 165 -7.51 2.57 9.78
C LEU A 165 -7.11 1.19 10.30
N ASP A 166 -8.05 0.43 10.85
CA ASP A 166 -7.80 -0.92 11.38
C ASP A 166 -7.61 -1.90 10.22
N GLN A 167 -6.37 -2.36 10.03
CA GLN A 167 -6.07 -3.17 8.86
C GLN A 167 -6.60 -4.60 8.95
N ARG A 168 -7.04 -5.06 10.13
CA ARG A 168 -7.77 -6.33 10.19
C ARG A 168 -9.08 -6.28 9.41
N PHE A 169 -9.67 -5.11 9.22
CA PHE A 169 -10.95 -5.01 8.53
C PHE A 169 -10.96 -4.10 7.33
N PHE A 170 -10.02 -3.16 7.21
CA PHE A 170 -9.96 -2.22 6.08
C PHE A 170 -8.54 -2.13 5.52
N ASN A 171 -8.00 -3.30 5.16
CA ASN A 171 -6.64 -3.43 4.64
C ASN A 171 -6.49 -2.64 3.34
N GLY A 172 -5.69 -1.58 3.37
CA GLY A 172 -5.56 -0.68 2.25
C GLY A 172 -6.06 0.72 2.50
N ILE A 173 -6.95 0.92 3.47
CA ILE A 173 -7.44 2.27 3.80
C ILE A 173 -6.43 2.96 4.71
N GLY A 174 -6.00 4.15 4.31
CA GLY A 174 -5.16 4.99 5.15
C GLY A 174 -5.75 6.37 5.38
N ASN A 175 -4.88 7.34 5.72
CA ASN A 175 -5.40 8.60 6.28
C ASN A 175 -6.14 9.44 5.24
N TYR A 176 -5.64 9.52 4.01
CA TYR A 176 -6.41 10.33 3.07
C TYR A 176 -7.66 9.62 2.57
N LEU A 177 -7.62 8.29 2.46
CA LEU A 177 -8.82 7.59 1.99
C LEU A 177 -9.95 7.64 3.01
N ARG A 178 -9.65 7.58 4.31
CA ARG A 178 -10.73 7.65 5.29
C ARG A 178 -11.39 9.03 5.26
N ALA A 179 -10.61 10.09 5.08
CA ALA A 179 -11.19 11.42 4.92
C ALA A 179 -12.06 11.51 3.67
N GLU A 180 -11.55 11.03 2.51
CA GLU A 180 -12.32 11.17 1.28
C GLU A 180 -13.59 10.34 1.30
N ILE A 181 -13.56 9.18 1.95
CA ILE A 181 -14.72 8.28 1.96
C ILE A 181 -15.82 8.83 2.87
N LEU A 182 -15.49 9.14 4.13
CA LEU A 182 -16.47 9.75 5.02
C LEU A 182 -17.03 11.04 4.43
N TYR A 183 -16.20 11.78 3.69
CA TYR A 183 -16.66 13.04 3.12
C TYR A 183 -17.71 12.81 2.04
N ARG A 184 -17.57 11.74 1.23
CA ARG A 184 -18.58 11.47 0.21
C ARG A 184 -19.94 11.23 0.84
N LEU A 185 -19.98 10.59 2.01
CA LEU A 185 -21.24 10.18 2.62
C LEU A 185 -21.75 11.17 3.67
N LYS A 186 -20.99 12.22 3.97
CA LYS A 186 -21.32 13.18 5.03
C LYS A 186 -21.58 12.47 6.37
N ILE A 187 -20.82 11.43 6.63
CA ILE A 187 -20.89 10.72 7.92
C ILE A 187 -19.89 11.34 8.88
N PRO A 188 -20.28 11.78 10.06
CA PRO A 188 -19.34 12.41 10.99
C PRO A 188 -18.23 11.46 11.42
N PRO A 189 -16.98 11.91 11.43
CA PRO A 189 -15.87 10.99 11.75
C PRO A 189 -16.00 10.23 13.05
N PHE A 190 -16.63 10.81 14.09
CA PHE A 190 -16.62 10.18 15.41
C PHE A 190 -17.97 9.63 15.80
N GLU A 191 -18.79 9.28 14.83
CA GLU A 191 -19.87 8.35 15.09
C GLU A 191 -19.31 6.94 15.27
N LYS A 192 -19.98 6.15 16.12
CA LYS A 192 -19.48 4.82 16.42
C LYS A 192 -19.52 3.93 15.18
N ALA A 193 -18.44 3.16 14.98
CA ALA A 193 -18.30 2.34 13.77
C ALA A 193 -19.44 1.32 13.66
N ARG A 194 -19.73 0.60 14.75
CA ARG A 194 -20.80 -0.38 14.72
C ARG A 194 -22.13 0.24 14.32
N SER A 195 -22.47 1.38 14.92
CA SER A 195 -23.73 2.03 14.60
C SER A 195 -23.80 2.41 13.13
N VAL A 196 -22.69 2.89 12.56
CA VAL A 196 -22.68 3.30 11.15
C VAL A 196 -22.84 2.10 10.23
N LEU A 197 -22.21 0.96 10.57
CA LEU A 197 -22.23 -0.19 9.66
C LEU A 197 -23.47 -1.05 9.83
N GLU A 198 -24.08 -1.07 11.02
CA GLU A 198 -25.36 -1.75 11.19
C GLU A 198 -26.44 -1.09 10.33
N ALA A 199 -26.43 0.24 10.25
CA ALA A 199 -27.34 1.00 9.39
C ALA A 199 -27.04 0.74 7.93
N LEU A 200 -27.10 -0.53 7.52
CA LEU A 200 -26.59 -0.95 6.21
C LEU A 200 -27.07 -2.35 5.88
N GLN A 201 -26.14 -3.17 5.42
CA GLN A 201 -26.38 -4.56 5.06
C GLN A 201 -25.90 -5.49 6.18
N ASN A 221 -27.37 4.37 -4.43
CA ASN A 221 -26.49 5.21 -3.60
C ASN A 221 -25.47 4.36 -2.84
N PRO A 222 -24.23 4.33 -3.32
CA PRO A 222 -23.25 3.39 -2.77
C PRO A 222 -22.96 3.67 -1.30
N ASP A 223 -22.94 2.59 -0.49
CA ASP A 223 -22.80 2.68 0.94
C ASP A 223 -21.31 2.74 1.34
N LEU A 224 -21.06 2.74 2.66
CA LEU A 224 -19.72 2.96 3.17
C LEU A 224 -18.73 1.92 2.65
N LEU A 225 -19.13 0.64 2.68
CA LEU A 225 -18.22 -0.44 2.32
C LEU A 225 -17.96 -0.46 0.82
N GLU A 226 -19.00 -0.20 0.02
CA GLU A 226 -18.80 -0.02 -1.41
C GLU A 226 -17.76 1.07 -1.67
N LEU A 227 -17.88 2.19 -0.98
CA LEU A 227 -16.96 3.30 -1.22
C LEU A 227 -15.55 2.96 -0.76
N CYS A 228 -15.41 2.04 0.22
CA CYS A 228 -14.07 1.58 0.58
C CYS A 228 -13.39 0.91 -0.59
N HIS A 229 -14.15 0.51 -1.61
CA HIS A 229 -13.63 -0.06 -2.85
C HIS A 229 -13.58 0.96 -3.98
N SER A 230 -14.69 1.65 -4.24
CA SER A 230 -14.78 2.48 -5.44
C SER A 230 -13.89 3.71 -5.35
N VAL A 231 -13.76 4.29 -4.17
CA VAL A 231 -12.95 5.50 -4.00
C VAL A 231 -11.46 5.21 -4.22
N PRO A 232 -10.84 4.23 -3.55
CA PRO A 232 -9.44 3.94 -3.92
C PRO A 232 -9.30 3.50 -5.35
N LYS A 233 -10.29 2.79 -5.90
CA LYS A 233 -10.22 2.41 -7.31
C LYS A 233 -10.10 3.64 -8.21
N GLU A 234 -10.74 4.75 -7.84
CA GLU A 234 -10.59 5.99 -8.60
C GLU A 234 -9.14 6.47 -8.61
N VAL A 235 -8.45 6.36 -7.47
CA VAL A 235 -7.06 6.79 -7.42
C VAL A 235 -6.21 5.94 -8.36
N VAL A 236 -6.47 4.63 -8.39
CA VAL A 236 -5.73 3.75 -9.29
C VAL A 236 -5.99 4.16 -10.73
N GLN A 237 -7.24 4.53 -11.05
CA GLN A 237 -7.58 4.90 -12.43
C GLN A 237 -6.89 6.19 -12.86
N LEU A 238 -6.65 7.12 -11.93
CA LEU A 238 -5.86 8.30 -12.28
C LEU A 238 -4.47 7.92 -12.77
N GLY A 239 -3.94 6.78 -12.34
CA GLY A 239 -2.53 6.50 -12.48
C GLY A 239 -1.80 7.39 -11.50
N GLY A 240 -2.62 8.07 -10.66
CA GLY A 240 -2.17 9.17 -9.84
C GLY A 240 -1.89 8.71 -8.43
N LYS A 241 -1.03 9.47 -7.74
CA LYS A 241 -0.18 8.93 -6.68
C LYS A 241 0.72 7.83 -7.24
N GLY A 242 1.03 7.94 -8.56
CA GLY A 242 1.50 6.81 -9.34
C GLY A 242 2.96 6.49 -9.15
N TYR A 243 3.36 5.35 -9.74
CA TYR A 243 4.70 4.81 -9.56
C TYR A 243 5.45 4.57 -10.88
N ASP A 251 0.90 14.72 -13.08
CA ASP A 251 0.50 13.44 -12.50
C ASP A 251 0.19 13.56 -11.01
N PHE A 252 1.18 14.01 -10.24
CA PHE A 252 0.94 14.31 -8.83
C PHE A 252 -0.08 15.42 -8.66
N ALA A 253 -0.34 16.22 -9.71
CA ALA A 253 -1.34 17.27 -9.62
C ALA A 253 -2.74 16.77 -9.93
N ALA A 254 -2.87 15.76 -10.82
CA ALA A 254 -4.19 15.19 -11.07
C ALA A 254 -4.75 14.52 -9.82
N PHE A 255 -3.88 14.02 -8.94
CA PHE A 255 -4.33 13.52 -7.65
C PHE A 255 -4.69 14.65 -6.70
N ARG A 256 -3.88 15.73 -6.68
CA ARG A 256 -4.19 16.87 -5.83
C ARG A 256 -5.54 17.48 -6.16
N ALA A 257 -5.90 17.50 -7.45
CA ALA A 257 -7.23 17.96 -7.86
C ALA A 257 -8.32 16.93 -7.57
N TRP A 258 -7.98 15.64 -7.51
CA TRP A 258 -8.99 14.63 -7.21
C TRP A 258 -9.48 14.74 -5.77
N LEU A 259 -8.63 15.19 -4.85
CA LEU A 259 -9.01 15.27 -3.44
C LEU A 259 -10.14 16.27 -3.25
N ARG A 260 -11.09 15.91 -2.39
CA ARG A 260 -12.15 16.82 -2.00
C ARG A 260 -12.11 17.21 -0.54
N CYS A 261 -11.36 16.48 0.29
CA CYS A 261 -11.42 16.76 1.72
C CYS A 261 -10.05 16.81 2.35
N TYR A 262 -9.22 15.79 2.10
CA TYR A 262 -7.96 15.66 2.82
C TYR A 262 -7.10 16.90 2.62
N GLY A 263 -6.78 17.57 3.73
CA GLY A 263 -5.96 18.78 3.74
C GLY A 263 -6.45 19.95 2.92
N MET A 264 -7.68 19.87 2.43
CA MET A 264 -8.27 20.90 1.58
C MET A 264 -8.67 22.13 2.38
N PRO A 265 -8.64 23.31 1.77
CA PRO A 265 -9.10 24.51 2.48
C PRO A 265 -10.60 24.47 2.73
N GLY A 266 -11.01 25.04 3.86
CA GLY A 266 -12.39 24.97 4.29
C GLY A 266 -12.71 23.76 5.13
N MET A 267 -11.81 22.78 5.19
CA MET A 267 -12.06 21.53 5.89
C MET A 267 -11.61 21.63 7.34
N SER A 268 -12.38 21.03 8.23
CA SER A 268 -12.03 20.88 9.63
C SER A 268 -10.99 19.78 9.79
N SER A 269 -10.41 19.69 10.99
CA SER A 269 -9.49 18.60 11.27
C SER A 269 -9.34 18.40 12.77
N LEU A 270 -9.27 17.13 13.18
CA LEU A 270 -9.10 16.77 14.58
C LEU A 270 -8.06 15.66 14.67
N GLN A 271 -7.54 15.47 15.88
CA GLN A 271 -6.62 14.39 16.19
C GLN A 271 -7.41 13.22 16.74
N ASP A 272 -7.27 12.04 16.12
CA ASP A 272 -7.93 10.87 16.66
C ASP A 272 -7.12 10.39 17.85
N ARG A 273 -7.53 9.25 18.43
CA ARG A 273 -6.96 8.82 19.70
C ARG A 273 -5.52 8.38 19.58
N HIS A 274 -5.08 8.01 18.38
CA HIS A 274 -3.68 7.65 18.18
C HIS A 274 -2.87 8.82 17.64
N GLY A 275 -3.47 9.99 17.49
CA GLY A 275 -2.75 11.18 17.04
C GLY A 275 -2.62 11.31 15.54
N ARG A 276 -3.54 10.76 14.77
CA ARG A 276 -3.57 10.95 13.33
C ARG A 276 -4.69 11.91 12.99
N THR A 277 -4.43 12.79 12.03
CA THR A 277 -5.35 13.85 11.69
C THR A 277 -6.49 13.29 10.85
N ILE A 278 -7.73 13.47 11.30
CA ILE A 278 -8.88 13.18 10.45
C ILE A 278 -9.39 14.51 9.90
N TRP A 279 -9.47 14.60 8.58
CA TRP A 279 -10.07 15.74 7.93
C TRP A 279 -11.54 15.43 7.64
N PHE A 280 -12.38 16.43 7.85
CA PHE A 280 -13.82 16.23 7.69
C PHE A 280 -14.47 17.59 7.49
N GLN A 281 -15.74 17.55 7.11
CA GLN A 281 -16.57 18.72 7.04
C GLN A 281 -17.80 18.52 7.91
N GLY A 282 -18.22 19.59 8.58
CA GLY A 282 -19.43 19.53 9.37
C GLY A 282 -19.23 18.96 10.77
N ASP A 283 -20.26 18.29 11.24
CA ASP A 283 -20.34 17.85 12.61
C ASP A 283 -19.31 16.77 12.86
N PRO A 284 -18.49 16.88 13.91
CA PRO A 284 -17.49 15.83 14.16
C PRO A 284 -18.08 14.53 14.67
N GLY A 285 -19.27 14.56 15.27
CA GLY A 285 -19.88 13.35 15.76
C GLY A 285 -19.79 13.19 17.27
N PRO A 286 -20.59 12.29 17.81
CA PRO A 286 -20.73 12.23 19.28
C PRO A 286 -19.46 11.83 20.02
N LEU A 287 -18.60 10.99 19.45
CA LEU A 287 -17.44 10.51 20.20
C LEU A 287 -16.18 11.36 20.00
N ALA A 288 -16.33 12.60 19.55
CA ALA A 288 -15.17 13.43 19.25
C ALA A 288 -14.46 13.87 20.54
N PRO A 289 -13.14 13.93 20.54
CA PRO A 289 -12.40 14.32 21.75
C PRO A 289 -12.38 15.83 21.91
C2 YB9 B 7 1.73 7.41 -0.58
N1 YB9 B 7 1.22 7.95 0.66
N2 YB9 B 7 1.50 8.08 -1.64
C1' YB9 B 7 1.49 7.23 1.90
C2' YB9 B 7 0.16 6.99 2.64
C3' YB9 B 7 0.17 7.55 4.06
C4' YB9 B 7 -0.48 8.91 3.94
C5' YB9 B 7 -0.93 9.43 5.29
O2 YB9 B 7 2.34 6.37 -0.62
O3' YB9 B 7 -0.74 6.69 4.68
O4' YB9 B 7 -1.58 8.82 3.07
O5' YB9 B 7 -0.20 10.56 5.56
OP1 YB9 B 7 -0.33 11.00 8.17
OP2 YB9 B 7 -2.07 12.00 6.66
P YB9 B 7 -0.65 11.55 6.81
C1 EDO D . -13.34 -11.50 -4.27
O1 EDO D . -13.63 -11.21 -2.90
C2 EDO D . -13.46 -10.24 -5.15
O2 EDO D . -14.76 -9.65 -5.01
C1 EDO E . 7.12 -19.19 1.53
O1 EDO E . 7.16 -18.09 0.62
C2 EDO E . 6.06 -18.96 2.60
O2 EDO E . 6.45 -17.89 3.48
C1 EDO F . -12.38 -4.88 -9.36
O1 EDO F . -13.57 -5.57 -8.95
C2 EDO F . -12.77 -3.87 -10.42
O2 EDO F . -13.95 -3.21 -9.97
S SO4 G . -19.79 11.30 -6.86
O1 SO4 G . -21.24 11.48 -7.00
O2 SO4 G . -19.50 9.86 -6.81
O3 SO4 G . -19.12 11.87 -8.01
O4 SO4 G . -19.37 11.96 -5.64
S SO4 H . 17.92 11.87 -5.59
O1 SO4 H . 17.56 10.66 -4.85
O2 SO4 H . 17.13 11.89 -6.83
O3 SO4 H . 17.63 13.03 -4.75
O4 SO4 H . 19.35 11.85 -5.91
S SO4 I . -2.69 -15.67 -2.10
O1 SO4 I . -2.31 -16.42 -0.92
O2 SO4 I . -3.34 -16.55 -3.08
O3 SO4 I . -1.50 -15.07 -2.71
O4 SO4 I . -3.63 -14.61 -1.71
#